data_5YZ7
#
_entry.id   5YZ7
#
_cell.length_a   48.501
_cell.length_b   88.795
_cell.length_c   118.600
_cell.angle_alpha   90.00
_cell.angle_beta   90.00
_cell.angle_gamma   90.00
#
_symmetry.space_group_name_H-M   'P 21 21 21'
#
loop_
_entity.id
_entity.type
_entity.pdbx_description
1 polymer 'Strigolactone esterase D14'
2 non-polymer '(2Z,4S)-5-(4-bromophenyl)-4-hydroxy-2-methylpent-2-enoic acid'
3 water water
#
_entity_poly.entity_id   1
_entity_poly.type   'polypeptide(L)'
_entity_poly.pdbx_seq_one_letter_code
;GPGYQDPNSAKLLQILNVRVVGSGERVVVLSHGFGTDQSAWSRVLPYLTRDHRVVLYDLVCAGSVNPDHFDFRRYDNLDA
YVDDLLAILDALRIPRCAFVGHSVSAMIGILASIRRPDLFAKLVLIGASPRFLNDSDYHGGFELEEIQQVFDAMGANYSA
WATGYAPLAVGADVPAAVQEFSRTLFNMRPDISLHVCQTVFKTDLRGVLGMVRAPCVVVQTTRDVSVPASVAAYLKAHLG
GRTTVEFLQTEGHLPHLSAPSLLAQVLRRALARY
;
_entity_poly.pdbx_strand_id   A,B
#
loop_
_chem_comp.id
_chem_comp.type
_chem_comp.name
_chem_comp.formula
94X non-polymer '(2Z,4S)-5-(4-bromophenyl)-4-hydroxy-2-methylpent-2-enoic acid' 'C12 H13 Br O3'
#
# COMPACT_ATOMS: atom_id res chain seq x y z
N ALA A 10 9.09 29.96 -7.80
CA ALA A 10 10.10 29.38 -8.69
C ALA A 10 11.14 28.56 -7.90
N LYS A 11 11.77 29.19 -6.91
CA LYS A 11 12.78 28.49 -6.11
C LYS A 11 12.09 27.50 -5.20
N LEU A 12 10.83 27.80 -4.91
CA LEU A 12 9.96 26.91 -4.16
C LEU A 12 9.79 25.56 -4.84
N LEU A 13 9.83 25.52 -6.17
CA LEU A 13 9.63 24.28 -6.90
C LEU A 13 10.62 23.19 -6.49
N GLN A 14 11.84 23.61 -6.17
CA GLN A 14 12.87 22.68 -5.69
C GLN A 14 12.82 22.52 -4.18
N ILE A 15 12.66 23.63 -3.48
CA ILE A 15 12.66 23.61 -2.01
C ILE A 15 11.53 22.72 -1.47
N LEU A 16 10.36 22.78 -2.10
CA LEU A 16 9.21 22.02 -1.62
C LEU A 16 9.00 20.75 -2.44
N ASN A 17 10.02 20.36 -3.20
CA ASN A 17 10.05 19.07 -3.90
C ASN A 17 8.86 18.84 -4.80
N VAL A 18 8.50 19.85 -5.57
CA VAL A 18 7.33 19.77 -6.44
C VAL A 18 7.51 18.67 -7.48
N ARG A 19 6.47 17.85 -7.65
CA ARG A 19 6.46 16.82 -8.68
C ARG A 19 5.19 16.94 -9.51
N VAL A 20 5.31 16.72 -10.81
CA VAL A 20 4.14 16.71 -11.68
C VAL A 20 4.13 15.40 -12.45
N VAL A 21 3.05 14.64 -12.33
CA VAL A 21 2.94 13.34 -13.00
C VAL A 21 1.57 13.14 -13.61
N GLY A 22 1.46 12.14 -14.49
CA GLY A 22 0.18 11.81 -15.10
C GLY A 22 -0.04 12.53 -16.40
N SER A 23 -1.22 12.37 -16.97
CA SER A 23 -1.55 12.99 -18.25
C SER A 23 -2.95 13.58 -18.23
N GLY A 24 -3.13 14.73 -18.86
CA GLY A 24 -4.48 15.16 -19.14
C GLY A 24 -4.81 16.65 -19.15
N GLU A 25 -6.04 16.91 -19.57
CA GLU A 25 -6.64 18.22 -19.51
C GLU A 25 -6.59 18.77 -18.09
N ARG A 26 -7.00 17.92 -17.16
CA ARG A 26 -7.40 18.34 -15.83
C ARG A 26 -6.28 18.26 -14.81
N VAL A 27 -6.00 19.39 -14.18
CA VAL A 27 -4.95 19.45 -13.17
C VAL A 27 -5.52 19.21 -11.78
N VAL A 28 -4.85 18.33 -11.04
CA VAL A 28 -5.24 17.99 -9.69
C VAL A 28 -4.04 18.20 -8.76
N VAL A 29 -4.23 19.00 -7.71
CA VAL A 29 -3.17 19.23 -6.72
C VAL A 29 -3.42 18.41 -5.46
N LEU A 30 -2.42 17.63 -5.06
CA LEU A 30 -2.48 16.85 -3.83
C LEU A 30 -1.59 17.50 -2.76
N SER A 31 -2.21 17.89 -1.65
CA SER A 31 -1.54 18.63 -0.59
C SER A 31 -1.67 17.85 0.72
N HIS A 32 -0.55 17.36 1.24
CA HIS A 32 -0.56 16.44 2.38
C HIS A 32 -0.81 17.13 3.71
N GLY A 33 -1.06 16.33 4.74
CA GLY A 33 -1.41 16.86 6.05
C GLY A 33 -0.28 16.78 7.05
N PHE A 34 -0.62 17.02 8.31
CA PHE A 34 0.37 17.03 9.37
C PHE A 34 0.99 15.66 9.59
N GLY A 35 2.30 15.63 9.77
CA GLY A 35 3.02 14.41 10.07
C GLY A 35 3.40 13.55 8.88
N THR A 36 3.03 13.97 7.67
CA THR A 36 3.42 13.24 6.47
C THR A 36 4.17 14.15 5.49
N ASP A 37 4.64 13.58 4.39
CA ASP A 37 5.07 14.37 3.24
C ASP A 37 4.23 13.91 2.06
N GLN A 38 4.61 14.31 0.85
CA GLN A 38 3.81 13.94 -0.32
C GLN A 38 3.77 12.44 -0.58
N SER A 39 4.66 11.68 0.06
CA SER A 39 4.69 10.23 -0.15
C SER A 39 3.44 9.55 0.41
N ALA A 40 2.71 10.25 1.29
CA ALA A 40 1.46 9.70 1.81
C ALA A 40 0.41 9.52 0.70
N TRP A 41 0.62 10.19 -0.43
CA TRP A 41 -0.29 10.08 -1.57
C TRP A 41 0.11 8.94 -2.53
N SER A 42 1.23 8.27 -2.26
CA SER A 42 1.78 7.31 -3.23
C SER A 42 0.81 6.17 -3.53
N ARG A 43 0.02 5.75 -2.54
CA ARG A 43 -0.88 4.61 -2.72
C ARG A 43 -2.15 4.96 -3.50
N VAL A 44 -2.62 6.19 -3.40
CA VAL A 44 -3.78 6.57 -4.21
C VAL A 44 -3.38 7.15 -5.57
N LEU A 45 -2.15 7.65 -5.69
CA LEU A 45 -1.70 8.34 -6.90
C LEU A 45 -1.99 7.59 -8.21
N PRO A 46 -1.70 6.26 -8.27
CA PRO A 46 -1.90 5.58 -9.56
C PRO A 46 -3.38 5.45 -9.98
N TYR A 47 -4.30 5.70 -9.05
CA TYR A 47 -5.72 5.70 -9.38
C TYR A 47 -6.11 6.99 -10.11
N LEU A 48 -5.19 7.95 -10.14
CA LEU A 48 -5.45 9.27 -10.69
C LEU A 48 -4.64 9.56 -11.96
N THR A 49 -3.47 8.95 -12.10
CA THR A 49 -2.51 9.44 -13.10
C THR A 49 -2.86 9.06 -14.55
N ARG A 50 -3.84 8.18 -14.74
CA ARG A 50 -4.25 7.84 -16.10
C ARG A 50 -5.09 8.95 -16.75
N ASP A 51 -5.89 9.64 -15.95
CA ASP A 51 -6.77 10.67 -16.52
C ASP A 51 -6.53 12.06 -15.96
N HIS A 52 -5.52 12.21 -15.11
CA HIS A 52 -5.27 13.52 -14.51
C HIS A 52 -3.79 13.91 -14.55
N ARG A 53 -3.53 15.21 -14.64
CA ARG A 53 -2.20 15.76 -14.43
C ARG A 53 -2.10 16.13 -12.96
N VAL A 54 -1.22 15.47 -12.23
CA VAL A 54 -1.21 15.57 -10.77
C VAL A 54 0.01 16.34 -10.26
N VAL A 55 -0.24 17.39 -9.50
CA VAL A 55 0.84 18.16 -8.88
C VAL A 55 0.97 17.76 -7.41
N LEU A 56 2.17 17.37 -7.01
CA LEU A 56 2.42 17.08 -5.61
C LEU A 56 3.57 17.97 -5.09
N TYR A 57 3.56 18.23 -3.79
CA TYR A 57 4.60 19.03 -3.16
C TYR A 57 4.65 18.76 -1.66
N ASP A 58 5.76 19.11 -1.03
CA ASP A 58 5.86 19.01 0.43
C ASP A 58 5.56 20.35 1.08
N LEU A 59 4.76 20.34 2.15
CA LEU A 59 4.63 21.51 3.01
C LEU A 59 6.01 21.83 3.56
N VAL A 60 6.26 23.11 3.86
CA VAL A 60 7.58 23.52 4.33
C VAL A 60 7.96 22.80 5.63
N CYS A 61 6.95 22.33 6.37
CA CYS A 61 7.21 21.66 7.64
C CYS A 61 7.52 20.16 7.53
N ALA A 62 7.43 19.61 6.31
CA ALA A 62 7.73 18.20 6.11
C ALA A 62 9.21 17.91 6.36
N GLY A 63 9.50 16.73 6.91
CA GLY A 63 10.89 16.37 7.20
C GLY A 63 11.77 16.24 5.96
N SER A 64 11.13 16.04 4.81
CA SER A 64 11.84 15.90 3.53
C SER A 64 12.22 17.26 2.93
N VAL A 65 11.82 18.32 3.59
CA VAL A 65 12.23 19.67 3.23
C VAL A 65 13.35 20.09 4.16
N ASN A 66 14.38 20.73 3.62
CA ASN A 66 15.50 21.22 4.41
C ASN A 66 15.01 22.09 5.57
N PRO A 67 15.30 21.66 6.81
CA PRO A 67 14.80 22.40 7.98
C PRO A 67 15.34 23.82 8.08
N ASP A 68 16.47 24.11 7.43
CA ASP A 68 17.01 25.46 7.44
C ASP A 68 16.06 26.42 6.70
N HIS A 69 15.14 25.87 5.92
CA HIS A 69 14.21 26.71 5.19
C HIS A 69 12.98 27.09 6.03
N PHE A 70 12.83 26.46 7.19
CA PHE A 70 11.65 26.77 8.00
C PHE A 70 11.77 28.13 8.71
N ASP A 71 10.81 29.02 8.45
CA ASP A 71 10.77 30.35 9.03
C ASP A 71 9.76 30.40 10.16
N PHE A 72 10.26 30.39 11.40
CA PHE A 72 9.38 30.29 12.55
C PHE A 72 8.48 31.51 12.70
N ARG A 73 8.86 32.61 12.05
CA ARG A 73 8.09 33.83 12.07
C ARG A 73 6.98 33.82 11.02
N ARG A 74 7.38 33.68 9.77
CA ARG A 74 6.43 33.71 8.66
C ARG A 74 5.37 32.61 8.78
N TYR A 75 5.78 31.41 9.18
CA TYR A 75 4.84 30.30 9.19
C TYR A 75 4.09 30.12 10.51
N ASP A 76 4.00 31.17 11.33
CA ASP A 76 3.17 31.06 12.53
C ASP A 76 1.72 31.44 12.19
N ASN A 77 1.46 31.67 10.91
CA ASN A 77 0.10 31.81 10.39
C ASN A 77 -0.07 30.96 9.14
N LEU A 78 -1.23 30.33 8.97
CA LEU A 78 -1.44 29.46 7.82
C LEU A 78 -1.44 30.22 6.48
N ASP A 79 -1.61 31.54 6.55
CA ASP A 79 -1.56 32.36 5.34
C ASP A 79 -0.24 32.17 4.58
N ALA A 80 0.84 31.95 5.32
CA ALA A 80 2.15 31.74 4.69
C ALA A 80 2.21 30.42 3.91
N TYR A 81 1.52 29.40 4.40
CA TYR A 81 1.45 28.12 3.69
C TYR A 81 0.65 28.29 2.41
N VAL A 82 -0.40 29.11 2.49
CA VAL A 82 -1.19 29.47 1.31
C VAL A 82 -0.32 30.19 0.28
N ASP A 83 0.47 31.15 0.75
CA ASP A 83 1.38 31.86 -0.15
C ASP A 83 2.27 30.90 -0.94
N ASP A 84 2.77 29.87 -0.27
CA ASP A 84 3.66 28.90 -0.91
C ASP A 84 2.95 28.12 -2.01
N LEU A 85 1.74 27.67 -1.70
CA LEU A 85 0.92 26.92 -2.66
C LEU A 85 0.64 27.76 -3.89
N LEU A 86 0.18 28.99 -3.66
CA LEU A 86 -0.14 29.87 -4.79
C LEU A 86 1.11 30.17 -5.63
N ALA A 87 2.25 30.33 -4.96
CA ALA A 87 3.50 30.61 -5.66
C ALA A 87 3.88 29.45 -6.59
N ILE A 88 3.67 28.23 -6.09
CA ILE A 88 3.94 27.03 -6.88
C ILE A 88 3.04 26.95 -8.11
N LEU A 89 1.75 27.14 -7.91
CA LEU A 89 0.80 27.04 -9.01
C LEU A 89 1.05 28.13 -10.05
N ASP A 90 1.37 29.34 -9.58
CA ASP A 90 1.67 30.45 -10.47
C ASP A 90 2.98 30.22 -11.24
N ALA A 91 3.99 29.65 -10.57
CA ALA A 91 5.25 29.35 -11.24
C ALA A 91 5.04 28.32 -12.34
N LEU A 92 4.21 27.32 -12.05
CA LEU A 92 3.90 26.27 -13.03
C LEU A 92 2.96 26.77 -14.14
N ARG A 93 2.50 28.01 -14.00
CA ARG A 93 1.59 28.63 -14.96
C ARG A 93 0.30 27.81 -15.07
N ILE A 94 -0.20 27.36 -13.93
CA ILE A 94 -1.49 26.66 -13.85
C ILE A 94 -2.59 27.63 -13.44
N PRO A 95 -3.53 27.90 -14.36
CA PRO A 95 -4.60 28.87 -14.11
C PRO A 95 -5.83 28.30 -13.40
N ARG A 96 -5.97 26.98 -13.42
CA ARG A 96 -7.16 26.33 -12.88
C ARG A 96 -6.84 24.91 -12.48
N CYS A 97 -7.33 24.49 -11.32
CA CYS A 97 -7.07 23.14 -10.83
C CYS A 97 -8.13 22.69 -9.83
N ALA A 98 -8.21 21.39 -9.65
CA ALA A 98 -8.88 20.82 -8.48
C ALA A 98 -7.84 20.70 -7.38
N PHE A 99 -8.27 20.82 -6.12
CA PHE A 99 -7.37 20.74 -4.96
C PHE A 99 -7.84 19.67 -3.97
N VAL A 100 -6.94 18.76 -3.61
CA VAL A 100 -7.22 17.76 -2.59
C VAL A 100 -6.29 17.98 -1.39
N GLY A 101 -6.89 18.27 -0.24
CA GLY A 101 -6.10 18.59 0.94
C GLY A 101 -6.47 17.76 2.15
N HIS A 102 -5.45 17.30 2.87
CA HIS A 102 -5.64 16.54 4.10
C HIS A 102 -5.22 17.36 5.31
N SER A 103 -5.98 17.28 6.40
CA SER A 103 -5.58 17.89 7.66
C SER A 103 -5.35 19.41 7.49
N VAL A 104 -4.17 19.88 7.88
CA VAL A 104 -3.85 21.31 7.73
C VAL A 104 -4.02 21.76 6.27
N SER A 105 -3.80 20.88 5.30
CA SER A 105 -3.95 21.26 3.90
C SER A 105 -5.40 21.50 3.51
N ALA A 106 -6.35 20.93 4.27
CA ALA A 106 -7.76 21.26 4.06
C ALA A 106 -7.99 22.74 4.36
N MET A 107 -7.43 23.20 5.47
CA MET A 107 -7.51 24.63 5.82
C MET A 107 -6.80 25.52 4.82
N ILE A 108 -5.60 25.11 4.41
CA ILE A 108 -4.85 25.83 3.38
C ILE A 108 -5.68 25.95 2.10
N GLY A 109 -6.34 24.86 1.71
CA GLY A 109 -7.15 24.87 0.51
C GLY A 109 -8.34 25.81 0.58
N ILE A 110 -9.01 25.82 1.73
CA ILE A 110 -10.11 26.74 1.98
C ILE A 110 -9.61 28.18 1.84
N LEU A 111 -8.53 28.50 2.54
CA LEU A 111 -7.97 29.85 2.50
C LEU A 111 -7.50 30.24 1.10
N ALA A 112 -6.89 29.29 0.40
CA ALA A 112 -6.41 29.54 -0.95
C ALA A 112 -7.55 29.85 -1.92
N SER A 113 -8.68 29.16 -1.73
CA SER A 113 -9.80 29.30 -2.64
C SER A 113 -10.47 30.67 -2.44
N ILE A 114 -10.28 31.25 -1.27
CA ILE A 114 -10.79 32.60 -1.01
C ILE A 114 -9.82 33.64 -1.61
N ARG A 115 -8.52 33.38 -1.48
CA ARG A 115 -7.50 34.29 -2.01
C ARG A 115 -7.54 34.37 -3.53
N ARG A 116 -7.80 33.22 -4.14
CA ARG A 116 -7.77 33.09 -5.59
C ARG A 116 -8.94 32.23 -6.07
N PRO A 117 -10.15 32.81 -6.06
CA PRO A 117 -11.37 32.06 -6.40
C PRO A 117 -11.35 31.41 -7.78
N ASP A 118 -10.73 32.07 -8.74
CA ASP A 118 -10.73 31.58 -10.11
C ASP A 118 -9.76 30.40 -10.32
N LEU A 119 -8.86 30.22 -9.36
CA LEU A 119 -7.82 29.20 -9.48
C LEU A 119 -8.32 27.80 -9.12
N PHE A 120 -9.28 27.72 -8.20
CA PHE A 120 -9.68 26.43 -7.68
C PHE A 120 -11.09 26.03 -8.10
N ALA A 121 -11.17 25.00 -8.94
CA ALA A 121 -12.44 24.59 -9.54
C ALA A 121 -13.23 23.68 -8.60
N LYS A 122 -12.54 23.02 -7.68
CA LYS A 122 -13.17 22.14 -6.72
C LYS A 122 -12.23 21.82 -5.57
N LEU A 123 -12.77 21.69 -4.37
CA LEU A 123 -11.99 21.29 -3.20
C LEU A 123 -12.41 19.91 -2.68
N VAL A 124 -11.43 19.05 -2.44
CA VAL A 124 -11.69 17.82 -1.71
C VAL A 124 -10.95 17.88 -0.38
N LEU A 125 -11.72 17.81 0.70
CA LEU A 125 -11.18 17.96 2.04
C LEU A 125 -11.22 16.64 2.79
N ILE A 126 -10.06 16.20 3.27
CA ILE A 126 -9.91 14.94 3.99
C ILE A 126 -9.40 15.22 5.39
N GLY A 127 -9.92 14.54 6.40
CA GLY A 127 -9.58 14.79 7.79
C GLY A 127 -9.69 16.27 8.13
N ALA A 128 -10.82 16.88 7.77
CA ALA A 128 -10.91 18.33 7.71
C ALA A 128 -11.69 18.96 8.87
N SER A 129 -11.15 20.06 9.39
CA SER A 129 -11.83 20.83 10.42
C SER A 129 -11.47 22.31 10.31
N PRO A 130 -12.45 23.19 10.57
CA PRO A 130 -12.22 24.64 10.55
C PRO A 130 -11.73 25.15 11.91
N ARG A 131 -11.91 24.36 12.97
CA ARG A 131 -11.49 24.74 14.32
C ARG A 131 -11.52 23.53 15.26
N PHE A 132 -10.42 23.32 15.98
CA PHE A 132 -10.30 22.16 16.86
C PHE A 132 -10.76 22.46 18.29
N LEU A 133 -10.62 23.71 18.70
CA LEU A 133 -11.03 24.12 20.05
C LEU A 133 -12.55 24.21 20.14
N ASN A 134 -13.11 23.70 21.24
CA ASN A 134 -14.54 23.82 21.45
C ASN A 134 -14.96 25.28 21.66
N ASP A 135 -16.18 25.58 21.25
CA ASP A 135 -16.79 26.89 21.46
C ASP A 135 -18.23 26.60 21.84
N SER A 136 -19.03 27.62 22.09
CA SER A 136 -20.41 27.40 22.49
C SER A 136 -21.21 26.82 21.32
N ASP A 137 -21.77 25.63 21.53
CA ASP A 137 -22.49 24.86 20.50
C ASP A 137 -21.57 24.43 19.35
N TYR A 138 -20.26 24.65 19.48
CA TYR A 138 -19.31 24.16 18.49
C TYR A 138 -18.42 23.10 19.10
N HIS A 139 -18.56 21.87 18.61
CA HIS A 139 -17.75 20.76 19.08
C HIS A 139 -16.59 20.51 18.13
N GLY A 140 -15.43 21.06 18.46
CA GLY A 140 -14.23 20.90 17.64
C GLY A 140 -13.48 19.66 18.08
N GLY A 141 -13.75 19.24 19.30
CA GLY A 141 -13.19 18.01 19.83
C GLY A 141 -12.17 18.21 20.93
N PHE A 142 -11.81 19.46 21.21
CA PHE A 142 -10.73 19.73 22.17
C PHE A 142 -10.97 20.99 23.02
N GLU A 143 -10.69 20.87 24.31
CA GLU A 143 -10.65 22.01 25.21
C GLU A 143 -9.25 22.62 25.21
N LEU A 144 -9.10 23.83 25.75
CA LEU A 144 -7.79 24.48 25.76
C LEU A 144 -6.76 23.62 26.49
N GLU A 145 -7.15 23.14 27.67
CA GLU A 145 -6.27 22.38 28.53
C GLU A 145 -5.80 21.08 27.85
N GLU A 146 -6.65 20.49 27.02
CA GLU A 146 -6.27 19.28 26.29
C GLU A 146 -5.23 19.60 25.23
N ILE A 147 -5.45 20.70 24.53
CA ILE A 147 -4.53 21.19 23.51
C ILE A 147 -3.17 21.48 24.12
N GLN A 148 -3.16 22.13 25.28
CA GLN A 148 -1.91 22.45 25.96
C GLN A 148 -1.15 21.18 26.36
N GLN A 149 -1.87 20.13 26.74
CA GLN A 149 -1.23 18.89 27.16
C GLN A 149 -0.55 18.18 25.98
N VAL A 150 -1.13 18.35 24.80
CA VAL A 150 -0.51 17.84 23.59
C VAL A 150 0.84 18.53 23.37
N PHE A 151 0.82 19.85 23.43
CA PHE A 151 2.03 20.66 23.27
C PHE A 151 3.11 20.25 24.27
N ASP A 152 2.72 20.15 25.54
CA ASP A 152 3.65 19.74 26.60
C ASP A 152 4.27 18.38 26.30
N ALA A 153 3.42 17.42 25.94
CA ALA A 153 3.86 16.08 25.58
C ALA A 153 4.86 16.12 24.42
N MET A 154 4.56 16.91 23.40
CA MET A 154 5.42 16.99 22.22
C MET A 154 6.78 17.57 22.58
N GLY A 155 6.77 18.59 23.43
CA GLY A 155 7.99 19.26 23.84
C GLY A 155 8.88 18.40 24.73
N ALA A 156 8.28 17.76 25.72
CA ALA A 156 9.03 16.98 26.69
C ALA A 156 9.61 15.69 26.09
N ASN A 157 8.76 14.94 25.38
CA ASN A 157 9.20 13.66 24.80
C ASN A 157 8.55 13.42 23.44
N TYR A 158 9.18 13.91 22.37
CA TYR A 158 8.59 13.83 21.05
C TYR A 158 8.45 12.38 20.58
N SER A 159 9.49 11.59 20.77
CA SER A 159 9.48 10.18 20.35
C SER A 159 8.32 9.39 20.95
N ALA A 160 8.08 9.59 22.23
CA ALA A 160 6.98 8.93 22.93
C ALA A 160 5.63 9.46 22.44
N TRP A 161 5.54 10.78 22.23
CA TRP A 161 4.29 11.35 21.77
C TRP A 161 3.95 10.84 20.38
N ALA A 162 4.95 10.77 19.51
CA ALA A 162 4.76 10.30 18.15
C ALA A 162 4.42 8.82 18.13
N THR A 163 5.10 8.05 18.96
CA THR A 163 4.84 6.62 19.05
C THR A 163 3.40 6.37 19.47
N GLY A 164 2.91 7.19 20.40
CA GLY A 164 1.53 7.09 20.83
C GLY A 164 0.55 7.60 19.79
N TYR A 165 0.92 8.68 19.10
CA TYR A 165 -0.01 9.35 18.20
C TYR A 165 -0.23 8.56 16.90
N ALA A 166 0.80 7.91 16.39
CA ALA A 166 0.71 7.23 15.09
C ALA A 166 -0.42 6.19 15.02
N PRO A 167 -0.52 5.26 16.00
CA PRO A 167 -1.64 4.32 15.91
C PRO A 167 -3.00 4.99 16.04
N LEU A 168 -3.08 6.01 16.88
CA LEU A 168 -4.35 6.71 17.11
C LEU A 168 -4.83 7.40 15.84
N ALA A 169 -3.90 8.04 15.14
CA ALA A 169 -4.23 8.78 13.94
C ALA A 169 -4.70 7.85 12.82
N VAL A 170 -3.97 6.74 12.64
CA VAL A 170 -4.33 5.77 11.63
C VAL A 170 -5.67 5.14 12.00
N GLY A 171 -5.85 4.84 13.29
CA GLY A 171 -7.12 4.38 13.80
C GLY A 171 -7.36 2.90 13.53
N ALA A 172 -7.52 2.57 12.26
CA ALA A 172 -7.74 1.19 11.83
C ALA A 172 -6.51 0.34 12.08
N ASP A 173 -6.71 -0.98 12.17
CA ASP A 173 -5.60 -1.91 12.32
C ASP A 173 -4.95 -2.18 10.96
N VAL A 174 -4.07 -1.27 10.54
CA VAL A 174 -3.33 -1.40 9.29
C VAL A 174 -1.85 -1.11 9.54
N PRO A 175 -1.08 -2.17 9.82
CA PRO A 175 0.34 -2.05 10.21
C PRO A 175 1.19 -1.21 9.27
N ALA A 176 1.02 -1.37 7.97
CA ALA A 176 1.81 -0.62 7.00
C ALA A 176 1.53 0.87 7.08
N ALA A 177 0.28 1.24 7.33
CA ALA A 177 -0.07 2.65 7.42
C ALA A 177 0.50 3.25 8.70
N VAL A 178 0.46 2.50 9.80
CA VAL A 178 1.04 2.97 11.05
C VAL A 178 2.55 3.16 10.89
N GLN A 179 3.18 2.20 10.24
CA GLN A 179 4.62 2.23 9.99
C GLN A 179 5.02 3.41 9.10
N GLU A 180 4.24 3.63 8.05
CA GLU A 180 4.52 4.70 7.08
C GLU A 180 4.25 6.09 7.67
N PHE A 181 3.18 6.23 8.44
CA PHE A 181 2.89 7.49 9.11
C PHE A 181 3.93 7.78 10.19
N SER A 182 4.29 6.75 10.96
CA SER A 182 5.32 6.91 11.98
C SER A 182 6.66 7.35 11.37
N ARG A 183 7.02 6.78 10.22
CA ARG A 183 8.29 7.15 9.59
C ARG A 183 8.33 8.64 9.26
N THR A 184 7.27 9.17 8.64
CA THR A 184 7.29 10.57 8.25
C THR A 184 7.12 11.50 9.46
N LEU A 185 6.36 11.07 10.46
CA LEU A 185 6.23 11.84 11.70
C LEU A 185 7.60 11.96 12.37
N PHE A 186 8.32 10.85 12.45
CA PHE A 186 9.67 10.86 13.03
C PHE A 186 10.67 11.61 12.16
N ASN A 187 10.35 11.77 10.88
CA ASN A 187 11.23 12.48 9.98
C ASN A 187 11.19 13.99 10.22
N MET A 188 10.08 14.49 10.75
CA MET A 188 9.96 15.91 11.07
C MET A 188 10.88 16.28 12.22
N ARG A 189 11.45 17.48 12.18
CA ARG A 189 12.23 17.96 13.31
C ARG A 189 11.24 18.32 14.42
N PRO A 190 11.50 17.83 15.65
CA PRO A 190 10.57 17.98 16.77
C PRO A 190 10.10 19.41 17.02
N ASP A 191 10.96 20.41 16.85
CA ASP A 191 10.56 21.78 17.11
C ASP A 191 9.64 22.31 16.02
N ILE A 192 9.91 21.90 14.78
CA ILE A 192 9.07 22.28 13.65
C ILE A 192 7.69 21.61 13.78
N SER A 193 7.67 20.34 14.16
CA SER A 193 6.41 19.62 14.37
C SER A 193 5.54 20.31 15.42
N LEU A 194 6.13 20.67 16.56
CA LEU A 194 5.39 21.36 17.61
C LEU A 194 4.85 22.71 17.12
N HIS A 195 5.68 23.43 16.36
CA HIS A 195 5.32 24.76 15.87
C HIS A 195 4.09 24.71 14.96
N VAL A 196 4.08 23.78 14.02
CA VAL A 196 2.95 23.66 13.12
C VAL A 196 1.71 23.23 13.88
N CYS A 197 1.91 22.33 14.84
CA CYS A 197 0.82 21.86 15.68
C CYS A 197 0.15 23.06 16.36
N GLN A 198 0.96 23.93 16.95
CA GLN A 198 0.48 25.12 17.62
C GLN A 198 -0.25 26.05 16.65
N THR A 199 0.29 26.20 15.45
CA THR A 199 -0.27 27.09 14.45
C THR A 199 -1.66 26.62 14.02
N VAL A 200 -1.78 25.31 13.80
CA VAL A 200 -3.06 24.75 13.38
C VAL A 200 -4.11 24.83 14.48
N PHE A 201 -3.71 24.59 15.74
CA PHE A 201 -4.68 24.65 16.84
C PHE A 201 -5.19 26.06 17.12
N LYS A 202 -4.43 27.07 16.72
CA LYS A 202 -4.84 28.45 16.91
C LYS A 202 -5.81 28.90 15.81
N THR A 203 -5.81 28.18 14.70
CA THR A 203 -6.56 28.60 13.52
C THR A 203 -8.06 28.41 13.70
N ASP A 204 -8.83 29.40 13.25
CA ASP A 204 -10.29 29.36 13.33
C ASP A 204 -10.85 29.89 12.02
N LEU A 205 -11.22 28.98 11.12
CA LEU A 205 -11.71 29.38 9.80
C LEU A 205 -13.23 29.48 9.71
N ARG A 206 -13.92 29.30 10.84
CA ARG A 206 -15.39 29.25 10.83
C ARG A 206 -15.99 30.49 10.18
N GLY A 207 -15.45 31.66 10.51
CA GLY A 207 -15.96 32.91 9.98
C GLY A 207 -15.71 33.19 8.52
N VAL A 208 -14.88 32.40 7.84
CA VAL A 208 -14.64 32.64 6.42
C VAL A 208 -15.12 31.49 5.54
N LEU A 209 -15.65 30.45 6.14
CA LEU A 209 -16.19 29.32 5.38
C LEU A 209 -17.17 29.78 4.30
N GLY A 210 -18.02 30.74 4.63
CA GLY A 210 -19.00 31.27 3.69
C GLY A 210 -18.41 31.99 2.49
N MET A 211 -17.13 32.36 2.56
CA MET A 211 -16.46 33.07 1.47
C MET A 211 -15.95 32.11 0.38
N VAL A 212 -15.89 30.82 0.71
CA VAL A 212 -15.48 29.83 -0.27
C VAL A 212 -16.57 29.71 -1.34
N ARG A 213 -16.17 29.74 -2.61
CA ARG A 213 -17.14 29.66 -3.70
C ARG A 213 -17.08 28.32 -4.41
N ALA A 214 -15.93 27.67 -4.35
CA ALA A 214 -15.72 26.43 -5.09
C ALA A 214 -16.59 25.32 -4.55
N PRO A 215 -17.06 24.43 -5.45
CA PRO A 215 -17.76 23.24 -4.99
C PRO A 215 -16.82 22.40 -4.16
N CYS A 216 -17.36 21.67 -3.20
CA CYS A 216 -16.51 20.98 -2.25
C CYS A 216 -17.03 19.61 -1.89
N VAL A 217 -16.11 18.66 -1.75
CA VAL A 217 -16.41 17.35 -1.22
C VAL A 217 -15.69 17.17 0.10
N VAL A 218 -16.43 16.88 1.16
CA VAL A 218 -15.85 16.56 2.45
C VAL A 218 -15.87 15.05 2.63
N VAL A 219 -14.68 14.47 2.86
CA VAL A 219 -14.58 13.03 3.07
C VAL A 219 -14.65 12.73 4.55
N GLN A 220 -15.62 11.91 4.94
CA GLN A 220 -15.77 11.51 6.33
C GLN A 220 -15.52 10.03 6.51
N THR A 221 -14.73 9.69 7.52
CA THR A 221 -14.52 8.31 7.91
C THR A 221 -15.37 8.02 9.14
N THR A 222 -15.40 6.77 9.60
CA THR A 222 -16.27 6.41 10.72
C THR A 222 -15.79 6.98 12.05
N ARG A 223 -14.47 7.07 12.22
CA ARG A 223 -13.87 7.65 13.43
C ARG A 223 -12.60 8.44 13.09
N ASP A 224 -12.47 9.64 13.64
CA ASP A 224 -11.29 10.47 13.43
C ASP A 224 -10.85 11.11 14.75
N VAL A 225 -9.64 10.79 15.20
CA VAL A 225 -9.17 11.23 16.51
C VAL A 225 -9.07 12.75 16.66
N SER A 226 -8.99 13.46 15.53
CA SER A 226 -8.85 14.90 15.58
C SER A 226 -10.10 15.61 15.05
N VAL A 227 -11.04 14.82 14.53
CA VAL A 227 -12.24 15.41 13.91
C VAL A 227 -13.53 14.70 14.29
N PRO A 228 -14.35 15.34 15.15
CA PRO A 228 -15.66 14.80 15.53
C PRO A 228 -16.57 14.56 14.32
N ALA A 229 -17.44 13.58 14.44
CA ALA A 229 -18.35 13.21 13.36
C ALA A 229 -19.21 14.40 12.92
N SER A 230 -19.49 15.31 13.85
CA SER A 230 -20.35 16.45 13.55
C SER A 230 -19.68 17.58 12.73
N VAL A 231 -18.36 17.54 12.56
CA VAL A 231 -17.67 18.62 11.84
C VAL A 231 -18.04 18.65 10.34
N ALA A 232 -18.15 17.48 9.73
CA ALA A 232 -18.46 17.41 8.30
C ALA A 232 -19.80 18.10 8.00
N ALA A 233 -20.80 17.83 8.82
CA ALA A 233 -22.10 18.46 8.66
C ALA A 233 -21.99 19.96 8.88
N TYR A 234 -21.13 20.36 9.82
CA TYR A 234 -20.90 21.78 10.07
C TYR A 234 -20.31 22.43 8.82
N LEU A 235 -19.34 21.76 8.21
CA LEU A 235 -18.70 22.28 6.99
C LEU A 235 -19.69 22.39 5.84
N LYS A 236 -20.49 21.35 5.65
CA LYS A 236 -21.50 21.36 4.61
C LYS A 236 -22.47 22.54 4.81
N ALA A 237 -22.84 22.78 6.06
CA ALA A 237 -23.76 23.86 6.40
C ALA A 237 -23.22 25.26 6.09
N HIS A 238 -21.92 25.47 6.27
CA HIS A 238 -21.37 26.82 6.27
C HIS A 238 -20.45 27.17 5.09
N LEU A 239 -19.90 26.16 4.42
CA LEU A 239 -19.12 26.41 3.22
C LEU A 239 -19.99 27.10 2.20
N GLY A 240 -19.43 28.11 1.51
CA GLY A 240 -20.21 29.00 0.68
C GLY A 240 -20.55 28.50 -0.71
N GLY A 241 -20.04 27.32 -1.06
CA GLY A 241 -20.34 26.71 -2.35
C GLY A 241 -21.17 25.45 -2.18
N ARG A 242 -21.34 24.70 -3.26
CA ARG A 242 -22.02 23.41 -3.18
C ARG A 242 -21.12 22.38 -2.50
N THR A 243 -21.60 21.81 -1.41
CA THR A 243 -20.81 20.85 -0.68
C THR A 243 -21.53 19.52 -0.53
N THR A 244 -20.81 18.43 -0.80
CA THR A 244 -21.31 17.09 -0.54
C THR A 244 -20.38 16.37 0.43
N VAL A 245 -20.97 15.66 1.39
CA VAL A 245 -20.19 14.78 2.24
C VAL A 245 -20.19 13.35 1.68
N GLU A 246 -18.99 12.85 1.40
CA GLU A 246 -18.80 11.47 0.95
C GLU A 246 -18.33 10.62 2.13
N PHE A 247 -18.91 9.42 2.25
CA PHE A 247 -18.67 8.59 3.43
C PHE A 247 -17.84 7.36 3.11
N LEU A 248 -16.73 7.21 3.82
CA LEU A 248 -15.91 6.02 3.69
C LEU A 248 -16.26 5.07 4.82
N GLN A 249 -16.57 3.84 4.46
CA GLN A 249 -16.82 2.81 5.46
C GLN A 249 -15.48 2.29 5.97
N THR A 250 -14.75 3.16 6.67
CA THR A 250 -13.44 2.80 7.21
C THR A 250 -13.12 3.71 8.39
N GLU A 251 -12.16 3.31 9.20
CA GLU A 251 -11.84 4.08 10.40
C GLU A 251 -10.50 4.81 10.27
N GLY A 252 -10.46 6.07 10.70
CA GLY A 252 -9.19 6.77 10.84
C GLY A 252 -9.08 8.15 10.25
N HIS A 253 -7.94 8.79 10.51
CA HIS A 253 -7.66 10.16 10.10
C HIS A 253 -6.90 10.22 8.77
N LEU A 254 -6.35 9.08 8.35
CA LEU A 254 -5.54 9.06 7.14
C LEU A 254 -5.97 7.97 6.16
N PRO A 255 -7.19 8.09 5.61
CA PRO A 255 -7.69 7.05 4.70
C PRO A 255 -6.85 6.90 3.44
N HIS A 256 -6.09 7.92 3.07
CA HIS A 256 -5.23 7.80 1.88
C HIS A 256 -4.09 6.82 2.16
N LEU A 257 -3.67 6.75 3.41
CA LEU A 257 -2.69 5.76 3.84
C LEU A 257 -3.32 4.41 4.15
N SER A 258 -4.45 4.42 4.82
CA SER A 258 -4.97 3.19 5.42
C SER A 258 -6.01 2.49 4.56
N ALA A 259 -6.69 3.25 3.70
CA ALA A 259 -7.72 2.67 2.85
C ALA A 259 -7.73 3.33 1.46
N PRO A 260 -6.61 3.19 0.72
CA PRO A 260 -6.45 3.96 -0.52
C PRO A 260 -7.47 3.58 -1.61
N SER A 261 -7.83 2.31 -1.69
CA SER A 261 -8.82 1.84 -2.66
C SER A 261 -10.15 2.56 -2.46
N LEU A 262 -10.65 2.52 -1.24
CA LEU A 262 -11.93 3.16 -0.91
C LEU A 262 -11.90 4.64 -1.21
N LEU A 263 -10.83 5.31 -0.78
CA LEU A 263 -10.69 6.74 -1.03
C LEU A 263 -10.59 7.06 -2.53
N ALA A 264 -9.86 6.21 -3.26
CA ALA A 264 -9.69 6.41 -4.70
C ALA A 264 -11.03 6.57 -5.42
N GLN A 265 -12.01 5.76 -5.02
CA GLN A 265 -13.29 5.78 -5.71
C GLN A 265 -13.99 7.11 -5.47
N VAL A 266 -13.89 7.65 -4.26
CA VAL A 266 -14.47 8.95 -3.96
C VAL A 266 -13.74 10.06 -4.74
N LEU A 267 -12.42 9.96 -4.79
CA LEU A 267 -11.63 10.96 -5.52
C LEU A 267 -11.97 10.96 -7.01
N ARG A 268 -12.05 9.79 -7.60
CA ARG A 268 -12.33 9.69 -9.03
C ARG A 268 -13.76 10.16 -9.31
N ARG A 269 -14.65 9.92 -8.35
CA ARG A 269 -16.03 10.41 -8.42
C ARG A 269 -16.07 11.94 -8.35
N ALA A 270 -15.31 12.51 -7.43
CA ALA A 270 -15.25 13.96 -7.25
C ALA A 270 -14.56 14.68 -8.40
N LEU A 271 -13.57 14.03 -9.02
CA LEU A 271 -12.72 14.71 -10.01
C LEU A 271 -13.17 14.46 -11.45
N ALA A 272 -14.31 13.81 -11.63
CA ALA A 272 -14.82 13.53 -12.96
C ALA A 272 -15.39 14.79 -13.62
N ARG A 273 -15.93 15.69 -12.80
CA ARG A 273 -16.57 16.90 -13.32
C ARG A 273 -16.24 18.15 -12.48
N TYR A 274 -15.55 19.10 -13.11
CA TYR A 274 -15.29 20.40 -12.49
C TYR A 274 -14.75 21.40 -13.50
N ALA B 10 20.80 -6.73 5.89
CA ALA B 10 20.60 -5.64 6.83
C ALA B 10 19.44 -4.77 6.39
N LYS B 11 19.64 -4.06 5.28
CA LYS B 11 18.62 -3.16 4.74
C LYS B 11 17.31 -3.89 4.49
N LEU B 12 17.42 -5.07 3.90
CA LEU B 12 16.27 -5.82 3.43
C LEU B 12 15.35 -6.29 4.55
N LEU B 13 15.93 -6.61 5.70
CA LEU B 13 15.17 -7.20 6.80
C LEU B 13 14.04 -6.30 7.28
N GLN B 14 14.29 -5.00 7.40
CA GLN B 14 13.24 -4.07 7.80
C GLN B 14 12.24 -3.87 6.68
N ILE B 15 12.76 -3.61 5.49
CA ILE B 15 11.97 -3.23 4.33
C ILE B 15 11.01 -4.33 3.88
N LEU B 16 11.47 -5.57 3.92
CA LEU B 16 10.66 -6.68 3.46
C LEU B 16 10.00 -7.43 4.62
N ASN B 17 9.98 -6.79 5.79
CA ASN B 17 9.25 -7.29 6.95
C ASN B 17 9.61 -8.72 7.32
N VAL B 18 10.90 -9.02 7.31
CA VAL B 18 11.39 -10.36 7.60
C VAL B 18 11.12 -10.72 9.06
N ARG B 19 10.57 -11.91 9.28
CA ARG B 19 10.33 -12.42 10.62
C ARG B 19 10.78 -13.87 10.71
N VAL B 20 11.28 -14.26 11.87
CA VAL B 20 11.76 -15.60 12.13
C VAL B 20 11.11 -16.13 13.41
N VAL B 21 10.35 -17.21 13.29
CA VAL B 21 9.66 -17.78 14.46
C VAL B 21 9.92 -19.28 14.61
N GLY B 22 9.47 -19.85 15.73
CA GLY B 22 9.70 -21.25 16.02
C GLY B 22 11.15 -21.59 16.31
N SER B 23 11.48 -22.88 16.28
CA SER B 23 12.84 -23.35 16.54
C SER B 23 13.07 -24.72 15.93
N GLY B 24 14.30 -24.99 15.49
CA GLY B 24 14.60 -26.31 14.98
C GLY B 24 15.87 -26.43 14.18
N GLU B 25 16.40 -27.63 14.17
CA GLU B 25 17.52 -27.97 13.30
C GLU B 25 17.20 -27.69 11.83
N ARG B 26 15.92 -27.64 11.49
CA ARG B 26 15.50 -27.48 10.11
C ARG B 26 14.79 -26.15 9.84
N VAL B 27 15.41 -25.34 8.99
CA VAL B 27 14.88 -24.02 8.64
C VAL B 27 13.95 -24.14 7.43
N VAL B 28 12.83 -23.42 7.49
CA VAL B 28 11.89 -23.36 6.37
C VAL B 28 11.49 -21.94 6.02
N VAL B 29 11.62 -21.58 4.74
CA VAL B 29 11.18 -20.28 4.25
C VAL B 29 9.78 -20.36 3.64
N LEU B 30 8.89 -19.48 4.09
CA LEU B 30 7.56 -19.34 3.49
C LEU B 30 7.52 -18.09 2.63
N SER B 31 7.30 -18.28 1.33
CA SER B 31 7.35 -17.17 0.37
C SER B 31 6.01 -17.04 -0.34
N HIS B 32 5.32 -15.92 -0.09
CA HIS B 32 3.92 -15.79 -0.50
C HIS B 32 3.77 -15.46 -1.98
N GLY B 33 2.54 -15.54 -2.47
CA GLY B 33 2.27 -15.35 -3.89
C GLY B 33 1.65 -14.02 -4.24
N PHE B 34 1.21 -13.90 -5.49
CA PHE B 34 0.62 -12.67 -5.98
C PHE B 34 -0.63 -12.30 -5.20
N GLY B 35 -0.72 -11.04 -4.78
CA GLY B 35 -1.93 -10.53 -4.17
C GLY B 35 -2.03 -10.67 -2.67
N THR B 36 -1.02 -11.28 -2.04
CA THR B 36 -1.02 -11.45 -0.60
C THR B 36 0.26 -10.87 0.00
N ASP B 37 0.42 -11.03 1.31
CA ASP B 37 1.72 -10.85 1.93
C ASP B 37 1.97 -12.05 2.83
N GLN B 38 2.90 -11.95 3.77
CA GLN B 38 3.25 -13.09 4.60
C GLN B 38 2.11 -13.51 5.52
N SER B 39 1.14 -12.62 5.73
CA SER B 39 0.01 -12.94 6.61
C SER B 39 -0.85 -14.07 6.04
N ALA B 40 -0.73 -14.36 4.74
CA ALA B 40 -1.47 -15.46 4.14
C ALA B 40 -1.07 -16.82 4.71
N TRP B 41 0.08 -16.88 5.39
CA TRP B 41 0.56 -18.12 5.98
C TRP B 41 0.08 -18.31 7.41
N SER B 42 -0.75 -17.40 7.91
CA SER B 42 -1.05 -17.34 9.34
C SER B 42 -1.74 -18.59 9.87
N ARG B 43 -2.56 -19.24 9.05
CA ARG B 43 -3.31 -20.40 9.52
C ARG B 43 -2.49 -21.70 9.43
N VAL B 44 -1.56 -21.79 8.50
CA VAL B 44 -0.72 -22.98 8.43
C VAL B 44 0.46 -22.89 9.39
N LEU B 45 0.87 -21.67 9.72
CA LEU B 45 2.03 -21.41 10.57
C LEU B 45 2.05 -22.16 11.93
N PRO B 46 0.90 -22.22 12.64
CA PRO B 46 0.95 -22.96 13.92
C PRO B 46 1.30 -24.44 13.80
N TYR B 47 1.14 -25.01 12.61
CA TYR B 47 1.46 -26.42 12.38
C TYR B 47 2.94 -26.66 12.13
N LEU B 48 3.71 -25.57 12.01
CA LEU B 48 5.12 -25.66 11.64
C LEU B 48 6.05 -25.17 12.74
N THR B 49 5.54 -24.37 13.67
CA THR B 49 6.37 -23.70 14.66
C THR B 49 7.06 -24.64 15.66
N ARG B 50 6.49 -25.79 15.90
CA ARG B 50 7.06 -26.71 16.86
C ARG B 50 8.31 -27.40 16.33
N ASP B 51 8.30 -27.79 15.06
CA ASP B 51 9.38 -28.61 14.48
C ASP B 51 10.36 -27.84 13.60
N HIS B 52 10.05 -26.58 13.30
CA HIS B 52 10.89 -25.81 12.39
C HIS B 52 11.19 -24.41 12.90
N ARG B 53 12.27 -23.85 12.39
CA ARG B 53 12.54 -22.43 12.50
C ARG B 53 12.02 -21.81 11.22
N VAL B 54 11.00 -20.95 11.32
CA VAL B 54 10.29 -20.49 10.12
C VAL B 54 10.64 -19.05 9.76
N VAL B 55 11.12 -18.86 8.54
CA VAL B 55 11.41 -17.51 8.06
C VAL B 55 10.28 -17.00 7.19
N LEU B 56 9.77 -15.80 7.50
CA LEU B 56 8.75 -15.18 6.67
C LEU B 56 9.21 -13.82 6.16
N TYR B 57 8.76 -13.45 4.97
CA TYR B 57 9.07 -12.14 4.41
C TYR B 57 8.03 -11.73 3.38
N ASP B 58 7.98 -10.43 3.10
CA ASP B 58 7.08 -9.91 2.09
C ASP B 58 7.86 -9.65 0.82
N LEU B 59 7.30 -10.06 -0.32
CA LEU B 59 7.85 -9.69 -1.61
C LEU B 59 7.79 -8.18 -1.76
N VAL B 60 8.74 -7.60 -2.48
CA VAL B 60 8.82 -6.14 -2.60
C VAL B 60 7.50 -5.58 -3.18
N CYS B 61 6.75 -6.41 -3.90
CA CYS B 61 5.48 -5.96 -4.49
C CYS B 61 4.28 -6.05 -3.54
N ALA B 62 4.47 -6.57 -2.33
CA ALA B 62 3.35 -6.71 -1.39
C ALA B 62 2.84 -5.34 -0.91
N GLY B 63 1.54 -5.25 -0.67
CA GLY B 63 0.94 -4.01 -0.19
C GLY B 63 1.41 -3.63 1.21
N SER B 64 1.92 -4.62 1.94
CA SER B 64 2.46 -4.42 3.28
C SER B 64 3.86 -3.81 3.25
N VAL B 65 4.41 -3.66 2.05
CA VAL B 65 5.71 -3.04 1.85
C VAL B 65 5.54 -1.63 1.30
N ASN B 66 6.35 -0.69 1.79
CA ASN B 66 6.33 0.67 1.26
C ASN B 66 6.55 0.66 -0.26
N PRO B 67 5.53 1.05 -1.03
CA PRO B 67 5.57 0.94 -2.49
C PRO B 67 6.62 1.81 -3.16
N ASP B 68 7.22 2.73 -2.42
CA ASP B 68 8.27 3.59 -2.99
C ASP B 68 9.61 2.86 -3.02
N HIS B 69 9.64 1.64 -2.50
CA HIS B 69 10.79 0.76 -2.62
C HIS B 69 10.78 0.01 -3.94
N PHE B 70 9.65 0.03 -4.63
CA PHE B 70 9.52 -0.75 -5.85
C PHE B 70 10.23 -0.10 -7.03
N ASP B 71 11.39 -0.64 -7.38
CA ASP B 71 12.15 -0.16 -8.54
C ASP B 71 11.67 -0.87 -9.80
N PHE B 72 10.87 -0.18 -10.60
CA PHE B 72 10.30 -0.75 -11.83
C PHE B 72 11.37 -1.23 -12.79
N ARG B 73 12.49 -0.52 -12.82
CA ARG B 73 13.58 -0.89 -13.69
C ARG B 73 14.24 -2.18 -13.21
N ARG B 74 14.41 -2.30 -11.89
CA ARG B 74 15.10 -3.47 -11.34
C ARG B 74 14.22 -4.71 -11.40
N TYR B 75 12.97 -4.60 -10.97
CA TYR B 75 12.09 -5.76 -10.89
C TYR B 75 11.39 -6.05 -12.20
N ASP B 76 12.11 -5.77 -13.29
CA ASP B 76 11.72 -6.08 -14.66
C ASP B 76 11.83 -7.59 -14.91
N ASN B 77 12.52 -8.24 -13.98
CA ASN B 77 12.96 -9.62 -14.13
C ASN B 77 12.77 -10.36 -12.81
N LEU B 78 12.45 -11.65 -12.87
CA LEU B 78 12.28 -12.42 -11.63
C LEU B 78 13.60 -12.62 -10.90
N ASP B 79 14.71 -12.51 -11.62
CA ASP B 79 16.03 -12.67 -11.01
C ASP B 79 16.24 -11.63 -9.90
N ALA B 80 15.63 -10.45 -10.04
CA ALA B 80 15.75 -9.41 -9.03
C ALA B 80 15.05 -9.83 -7.74
N TYR B 81 13.94 -10.54 -7.86
CA TYR B 81 13.23 -11.07 -6.69
C TYR B 81 14.05 -12.15 -6.03
N VAL B 82 14.73 -12.95 -6.86
CA VAL B 82 15.62 -13.99 -6.37
C VAL B 82 16.76 -13.34 -5.58
N ASP B 83 17.26 -12.22 -6.09
CA ASP B 83 18.31 -11.47 -5.41
C ASP B 83 17.90 -11.11 -3.98
N ASP B 84 16.67 -10.62 -3.82
CA ASP B 84 16.17 -10.26 -2.50
C ASP B 84 16.14 -11.46 -1.56
N LEU B 85 15.63 -12.58 -2.06
CA LEU B 85 15.50 -13.80 -1.26
C LEU B 85 16.87 -14.30 -0.79
N LEU B 86 17.85 -14.30 -1.69
CA LEU B 86 19.18 -14.76 -1.34
C LEU B 86 19.85 -13.81 -0.35
N ALA B 87 19.62 -12.52 -0.56
CA ALA B 87 20.19 -11.49 0.31
C ALA B 87 19.61 -11.59 1.72
N ILE B 88 18.35 -11.98 1.81
CA ILE B 88 17.69 -12.19 3.09
C ILE B 88 18.32 -13.37 3.83
N LEU B 89 18.43 -14.50 3.14
CA LEU B 89 19.02 -15.68 3.74
C LEU B 89 20.48 -15.45 4.12
N ASP B 90 21.20 -14.69 3.30
CA ASP B 90 22.60 -14.39 3.60
C ASP B 90 22.68 -13.45 4.81
N ALA B 91 21.77 -12.49 4.88
CA ALA B 91 21.73 -11.56 6.01
C ALA B 91 21.34 -12.26 7.30
N LEU B 92 20.59 -13.36 7.20
CA LEU B 92 20.22 -14.16 8.36
C LEU B 92 21.25 -15.23 8.64
N ARG B 93 22.29 -15.27 7.80
CA ARG B 93 23.35 -16.28 7.88
C ARG B 93 22.78 -17.69 7.86
N ILE B 94 21.84 -17.95 6.96
CA ILE B 94 21.26 -19.28 6.81
C ILE B 94 21.88 -20.01 5.62
N PRO B 95 22.61 -21.09 5.90
CA PRO B 95 23.35 -21.79 4.83
C PRO B 95 22.50 -22.81 4.10
N ARG B 96 21.37 -23.21 4.68
CA ARG B 96 20.55 -24.28 4.11
C ARG B 96 19.13 -24.20 4.64
N CYS B 97 18.16 -24.49 3.77
CA CYS B 97 16.77 -24.33 4.12
C CYS B 97 15.87 -25.11 3.18
N ALA B 98 14.64 -25.32 3.63
CA ALA B 98 13.57 -25.76 2.73
C ALA B 98 12.79 -24.52 2.34
N PHE B 99 12.24 -24.54 1.14
CA PHE B 99 11.54 -23.38 0.63
C PHE B 99 10.15 -23.77 0.17
N VAL B 100 9.16 -23.04 0.69
CA VAL B 100 7.79 -23.20 0.27
C VAL B 100 7.37 -21.94 -0.45
N GLY B 101 6.96 -22.07 -1.71
CA GLY B 101 6.60 -20.92 -2.52
C GLY B 101 5.24 -21.06 -3.15
N HIS B 102 4.48 -19.97 -3.12
CA HIS B 102 3.19 -19.94 -3.80
C HIS B 102 3.27 -19.03 -5.02
N SER B 103 2.72 -19.48 -6.15
CA SER B 103 2.48 -18.57 -7.28
C SER B 103 3.79 -18.01 -7.84
N VAL B 104 3.95 -16.69 -7.84
CA VAL B 104 5.19 -16.11 -8.32
C VAL B 104 6.37 -16.60 -7.48
N SER B 105 6.16 -16.90 -6.20
CA SER B 105 7.25 -17.40 -5.37
C SER B 105 7.67 -18.84 -5.72
N ALA B 106 6.79 -19.60 -6.35
CA ALA B 106 7.17 -20.92 -6.85
C ALA B 106 8.23 -20.77 -7.95
N MET B 107 8.02 -19.80 -8.83
CA MET B 107 9.00 -19.49 -9.86
C MET B 107 10.29 -18.95 -9.27
N ILE B 108 10.16 -18.04 -8.30
CA ILE B 108 11.31 -17.49 -7.58
C ILE B 108 12.13 -18.61 -6.94
N GLY B 109 11.44 -19.56 -6.30
CA GLY B 109 12.11 -20.71 -5.70
C GLY B 109 12.88 -21.60 -6.68
N ILE B 110 12.26 -21.91 -7.82
CA ILE B 110 12.93 -22.68 -8.86
C ILE B 110 14.22 -21.97 -9.29
N LEU B 111 14.12 -20.69 -9.63
CA LEU B 111 15.28 -19.90 -10.02
C LEU B 111 16.34 -19.83 -8.91
N ALA B 112 15.91 -19.62 -7.68
CA ALA B 112 16.85 -19.53 -6.56
C ALA B 112 17.59 -20.85 -6.33
N SER B 113 16.89 -21.97 -6.47
CA SER B 113 17.48 -23.28 -6.23
C SER B 113 18.50 -23.63 -7.31
N ILE B 114 18.35 -23.00 -8.47
CA ILE B 114 19.31 -23.19 -9.55
C ILE B 114 20.55 -22.34 -9.29
N ARG B 115 20.33 -21.10 -8.87
CA ARG B 115 21.42 -20.16 -8.58
C ARG B 115 22.27 -20.64 -7.40
N ARG B 116 21.61 -21.14 -6.36
CA ARG B 116 22.29 -21.58 -5.14
C ARG B 116 21.80 -22.95 -4.67
N PRO B 117 22.18 -24.02 -5.39
CA PRO B 117 21.72 -25.38 -5.09
C PRO B 117 22.18 -25.89 -3.72
N ASP B 118 23.24 -25.27 -3.20
CA ASP B 118 23.72 -25.53 -1.83
C ASP B 118 22.72 -25.07 -0.77
N LEU B 119 21.99 -24.00 -1.08
CA LEU B 119 21.15 -23.31 -0.11
C LEU B 119 19.76 -23.95 0.06
N PHE B 120 19.29 -24.64 -0.96
CA PHE B 120 17.92 -25.14 -0.95
C PHE B 120 17.87 -26.65 -0.93
N ALA B 121 17.47 -27.19 0.22
CA ALA B 121 17.44 -28.63 0.45
C ALA B 121 16.18 -29.29 -0.09
N LYS B 122 15.12 -28.50 -0.22
CA LYS B 122 13.85 -29.03 -0.71
C LYS B 122 12.92 -27.89 -1.08
N LEU B 123 12.16 -28.10 -2.15
CA LEU B 123 11.15 -27.13 -2.57
C LEU B 123 9.74 -27.69 -2.37
N VAL B 124 8.83 -26.83 -1.94
CA VAL B 124 7.40 -27.15 -1.99
C VAL B 124 6.72 -26.06 -2.81
N LEU B 125 6.10 -26.45 -3.91
CA LEU B 125 5.54 -25.50 -4.86
C LEU B 125 4.02 -25.55 -4.86
N ILE B 126 3.39 -24.41 -4.59
CA ILE B 126 1.92 -24.32 -4.50
C ILE B 126 1.39 -23.34 -5.53
N GLY B 127 0.30 -23.70 -6.21
CA GLY B 127 -0.23 -22.90 -7.31
C GLY B 127 0.85 -22.58 -8.32
N ALA B 128 1.60 -23.62 -8.71
CA ALA B 128 2.86 -23.41 -9.41
C ALA B 128 2.78 -23.68 -10.91
N SER B 129 3.42 -22.83 -11.70
CA SER B 129 3.55 -23.05 -13.14
C SER B 129 4.88 -22.52 -13.68
N PRO B 130 5.43 -23.18 -14.70
CA PRO B 130 6.67 -22.69 -15.31
C PRO B 130 6.38 -21.69 -16.45
N ARG B 131 5.12 -21.63 -16.88
CA ARG B 131 4.71 -20.76 -17.99
C ARG B 131 3.20 -20.75 -18.10
N PHE B 132 2.61 -19.57 -18.11
CA PHE B 132 1.17 -19.45 -18.12
C PHE B 132 0.58 -19.39 -19.53
N LEU B 133 1.36 -18.87 -20.48
CA LEU B 133 0.90 -18.74 -21.85
C LEU B 133 1.01 -20.08 -22.57
N ASN B 134 -0.04 -20.41 -23.32
CA ASN B 134 -0.03 -21.61 -24.13
C ASN B 134 1.09 -21.57 -25.16
N ASP B 135 1.45 -22.74 -25.67
CA ASP B 135 2.46 -22.86 -26.71
C ASP B 135 2.17 -24.15 -27.46
N SER B 136 3.04 -24.49 -28.40
CA SER B 136 2.88 -25.71 -29.18
C SER B 136 2.96 -26.95 -28.29
N ASP B 137 1.83 -27.62 -28.15
CA ASP B 137 1.72 -28.80 -27.29
C ASP B 137 2.18 -28.50 -25.86
N TYR B 138 1.90 -27.28 -25.42
CA TYR B 138 2.06 -26.93 -24.02
C TYR B 138 0.81 -26.17 -23.58
N HIS B 139 0.08 -26.73 -22.63
CA HIS B 139 -1.11 -26.06 -22.13
C HIS B 139 -0.77 -25.31 -20.84
N GLY B 140 -0.59 -24.00 -20.97
CA GLY B 140 -0.32 -23.16 -19.82
C GLY B 140 -1.61 -22.60 -19.23
N GLY B 141 -2.64 -22.54 -20.07
CA GLY B 141 -3.97 -22.15 -19.60
C GLY B 141 -4.40 -20.77 -20.04
N PHE B 142 -3.51 -20.06 -20.73
CA PHE B 142 -3.83 -18.71 -21.17
C PHE B 142 -3.40 -18.46 -22.61
N GLU B 143 -4.25 -17.72 -23.33
CA GLU B 143 -3.89 -17.24 -24.66
C GLU B 143 -3.48 -15.78 -24.55
N LEU B 144 -2.74 -15.29 -25.54
CA LEU B 144 -2.18 -13.95 -25.48
C LEU B 144 -3.26 -12.89 -25.34
N GLU B 145 -4.34 -13.06 -26.09
CA GLU B 145 -5.43 -12.08 -26.10
C GLU B 145 -6.14 -12.10 -24.75
N GLU B 146 -6.22 -13.30 -24.18
CA GLU B 146 -6.91 -13.53 -22.91
C GLU B 146 -6.27 -12.73 -21.78
N ILE B 147 -4.95 -12.78 -21.68
CA ILE B 147 -4.25 -12.10 -20.60
C ILE B 147 -4.08 -10.61 -20.89
N GLN B 148 -4.12 -10.24 -22.16
CA GLN B 148 -4.06 -8.84 -22.55
C GLN B 148 -5.28 -8.13 -22.01
N GLN B 149 -6.40 -8.86 -22.02
CA GLN B 149 -7.65 -8.41 -21.44
C GLN B 149 -7.48 -8.16 -19.93
N VAL B 150 -6.78 -9.06 -19.25
CA VAL B 150 -6.49 -8.89 -17.83
C VAL B 150 -5.72 -7.61 -17.57
N PHE B 151 -4.63 -7.43 -18.33
CA PHE B 151 -3.80 -6.22 -18.24
C PHE B 151 -4.64 -4.95 -18.34
N ASP B 152 -5.42 -4.87 -19.43
CA ASP B 152 -6.18 -3.66 -19.73
C ASP B 152 -7.19 -3.35 -18.62
N ALA B 153 -7.82 -4.38 -18.09
CA ALA B 153 -8.79 -4.21 -17.01
C ALA B 153 -8.11 -3.72 -15.72
N MET B 154 -6.89 -4.18 -15.47
CA MET B 154 -6.16 -3.78 -14.27
C MET B 154 -5.81 -2.29 -14.32
N GLY B 155 -5.42 -1.81 -15.50
CA GLY B 155 -5.11 -0.41 -15.68
C GLY B 155 -6.37 0.47 -15.63
N ALA B 156 -7.41 0.03 -16.32
CA ALA B 156 -8.63 0.82 -16.43
C ALA B 156 -9.38 0.95 -15.10
N ASN B 157 -9.52 -0.18 -14.41
CA ASN B 157 -10.28 -0.20 -13.16
C ASN B 157 -9.80 -1.33 -12.26
N TYR B 158 -8.72 -1.09 -11.52
CA TYR B 158 -8.09 -2.12 -10.72
C TYR B 158 -9.04 -2.70 -9.67
N SER B 159 -9.76 -1.82 -8.99
CA SER B 159 -10.64 -2.27 -7.92
C SER B 159 -11.73 -3.20 -8.43
N ALA B 160 -12.21 -2.94 -9.64
CA ALA B 160 -13.23 -3.79 -10.24
C ALA B 160 -12.66 -5.15 -10.64
N TRP B 161 -11.45 -5.14 -11.21
CA TRP B 161 -10.79 -6.38 -11.60
C TRP B 161 -10.56 -7.24 -10.37
N ALA B 162 -10.04 -6.62 -9.31
CA ALA B 162 -9.69 -7.31 -8.08
C ALA B 162 -10.90 -7.97 -7.43
N THR B 163 -11.99 -7.21 -7.37
CA THR B 163 -13.26 -7.72 -6.87
C THR B 163 -13.70 -8.95 -7.64
N GLY B 164 -13.44 -8.95 -8.94
CA GLY B 164 -13.80 -10.06 -9.80
C GLY B 164 -12.86 -11.24 -9.71
N TYR B 165 -11.57 -10.94 -9.53
CA TYR B 165 -10.56 -12.00 -9.51
C TYR B 165 -10.55 -12.77 -8.19
N ALA B 166 -10.73 -12.07 -7.08
CA ALA B 166 -10.59 -12.68 -5.75
C ALA B 166 -11.41 -13.98 -5.53
N PRO B 167 -12.71 -13.98 -5.86
CA PRO B 167 -13.41 -15.26 -5.65
C PRO B 167 -12.97 -16.36 -6.62
N LEU B 168 -12.47 -15.98 -7.79
CA LEU B 168 -12.02 -16.97 -8.76
C LEU B 168 -10.76 -17.66 -8.28
N ALA B 169 -9.86 -16.87 -7.68
CA ALA B 169 -8.61 -17.40 -7.16
C ALA B 169 -8.88 -18.35 -6.00
N VAL B 170 -9.78 -17.96 -5.11
CA VAL B 170 -10.12 -18.80 -3.98
C VAL B 170 -10.81 -20.07 -4.48
N GLY B 171 -11.63 -19.94 -5.52
CA GLY B 171 -12.22 -21.09 -6.17
C GLY B 171 -13.46 -21.61 -5.48
N ALA B 172 -13.29 -22.14 -4.28
CA ALA B 172 -14.42 -22.62 -3.50
C ALA B 172 -15.19 -21.44 -2.91
N ASP B 173 -16.47 -21.67 -2.58
CA ASP B 173 -17.24 -20.65 -1.89
C ASP B 173 -16.84 -20.64 -0.43
N VAL B 174 -15.76 -19.90 -0.13
CA VAL B 174 -15.27 -19.73 1.23
C VAL B 174 -15.10 -18.24 1.50
N PRO B 175 -16.21 -17.56 1.86
CA PRO B 175 -16.30 -16.11 2.04
C PRO B 175 -15.17 -15.52 2.88
N ALA B 176 -14.77 -16.18 3.96
CA ALA B 176 -13.72 -15.63 4.82
C ALA B 176 -12.38 -15.58 4.08
N ALA B 177 -12.15 -16.58 3.25
CA ALA B 177 -10.94 -16.60 2.43
C ALA B 177 -10.99 -15.55 1.33
N VAL B 178 -12.16 -15.37 0.72
CA VAL B 178 -12.33 -14.37 -0.33
C VAL B 178 -12.12 -12.97 0.22
N GLN B 179 -12.71 -12.72 1.38
CA GLN B 179 -12.56 -11.47 2.11
C GLN B 179 -11.09 -11.19 2.43
N GLU B 180 -10.40 -12.23 2.88
CA GLU B 180 -9.00 -12.09 3.30
C GLU B 180 -8.09 -11.84 2.09
N PHE B 181 -8.35 -12.56 1.00
CA PHE B 181 -7.56 -12.36 -0.22
C PHE B 181 -7.85 -10.98 -0.80
N SER B 182 -9.10 -10.54 -0.70
CA SER B 182 -9.49 -9.21 -1.19
C SER B 182 -8.74 -8.13 -0.45
N ARG B 183 -8.62 -8.29 0.87
CA ARG B 183 -7.98 -7.29 1.72
C ARG B 183 -6.57 -6.96 1.24
N THR B 184 -5.78 -8.00 0.95
CA THR B 184 -4.41 -7.77 0.54
C THR B 184 -4.28 -7.48 -0.95
N LEU B 185 -5.21 -7.98 -1.74
CA LEU B 185 -5.21 -7.70 -3.18
C LEU B 185 -5.48 -6.21 -3.38
N PHE B 186 -6.43 -5.67 -2.64
CA PHE B 186 -6.72 -4.23 -2.70
C PHE B 186 -5.59 -3.42 -2.08
N ASN B 187 -4.79 -4.08 -1.26
CA ASN B 187 -3.62 -3.45 -0.63
C ASN B 187 -2.55 -3.06 -1.64
N MET B 188 -2.50 -3.76 -2.79
CA MET B 188 -1.43 -3.54 -3.76
C MET B 188 -1.63 -2.24 -4.52
N ARG B 189 -0.57 -1.46 -4.64
CA ARG B 189 -0.60 -0.34 -5.57
C ARG B 189 -0.85 -0.92 -6.97
N PRO B 190 -1.86 -0.39 -7.67
CA PRO B 190 -2.32 -0.91 -8.98
C PRO B 190 -1.22 -0.97 -10.04
N ASP B 191 -0.33 0.02 -10.08
CA ASP B 191 0.73 0.01 -11.09
C ASP B 191 1.75 -1.07 -10.79
N ILE B 192 2.00 -1.34 -9.51
CA ILE B 192 2.88 -2.43 -9.10
C ILE B 192 2.27 -3.78 -9.43
N SER B 193 0.98 -3.92 -9.15
CA SER B 193 0.24 -5.15 -9.44
C SER B 193 0.29 -5.51 -10.93
N LEU B 194 0.04 -4.53 -11.80
CA LEU B 194 0.09 -4.76 -13.24
C LEU B 194 1.50 -5.17 -13.67
N HIS B 195 2.48 -4.48 -13.11
CA HIS B 195 3.88 -4.75 -13.43
C HIS B 195 4.32 -6.17 -13.09
N VAL B 196 3.95 -6.65 -11.91
CA VAL B 196 4.31 -8.01 -11.51
C VAL B 196 3.61 -9.05 -12.39
N CYS B 197 2.34 -8.78 -12.67
CA CYS B 197 1.55 -9.61 -13.57
C CYS B 197 2.23 -9.74 -14.94
N GLN B 198 2.66 -8.61 -15.50
CA GLN B 198 3.34 -8.59 -16.78
C GLN B 198 4.66 -9.37 -16.73
N THR B 199 5.41 -9.17 -15.65
CA THR B 199 6.70 -9.84 -15.48
C THR B 199 6.53 -11.36 -15.40
N VAL B 200 5.51 -11.79 -14.68
CA VAL B 200 5.24 -13.22 -14.53
C VAL B 200 4.80 -13.84 -15.86
N PHE B 201 3.93 -13.16 -16.58
CA PHE B 201 3.42 -13.70 -17.84
C PHE B 201 4.48 -13.74 -18.95
N LYS B 202 5.56 -12.98 -18.80
CA LYS B 202 6.64 -13.04 -19.78
C LYS B 202 7.77 -13.97 -19.33
N THR B 203 7.55 -14.67 -18.23
CA THR B 203 8.53 -15.63 -17.71
C THR B 203 8.26 -17.02 -18.25
N ASP B 204 9.32 -17.69 -18.71
CA ASP B 204 9.23 -19.05 -19.22
C ASP B 204 10.35 -19.87 -18.60
N LEU B 205 10.01 -20.69 -17.60
CA LEU B 205 11.01 -21.45 -16.87
C LEU B 205 11.19 -22.87 -17.39
N ARG B 206 10.46 -23.22 -18.46
CA ARG B 206 10.47 -24.60 -18.95
C ARG B 206 11.87 -25.12 -19.26
N GLY B 207 12.71 -24.27 -19.85
CA GLY B 207 14.03 -24.68 -20.27
C GLY B 207 14.99 -24.97 -19.12
N VAL B 208 14.76 -24.36 -17.97
CA VAL B 208 15.70 -24.49 -16.87
C VAL B 208 15.23 -25.47 -15.78
N LEU B 209 14.08 -26.09 -15.98
CA LEU B 209 13.55 -27.02 -14.96
C LEU B 209 14.52 -28.16 -14.64
N GLY B 210 15.23 -28.63 -15.64
CA GLY B 210 16.16 -29.74 -15.45
C GLY B 210 17.38 -29.36 -14.62
N MET B 211 17.60 -28.06 -14.45
CA MET B 211 18.73 -27.58 -13.67
C MET B 211 18.47 -27.66 -12.17
N VAL B 212 17.20 -27.72 -11.77
CA VAL B 212 16.86 -27.84 -10.35
C VAL B 212 17.39 -29.18 -9.84
N ARG B 213 18.18 -29.15 -8.78
CA ARG B 213 18.74 -30.38 -8.23
C ARG B 213 18.03 -30.78 -6.93
N ALA B 214 17.29 -29.85 -6.34
CA ALA B 214 16.59 -30.09 -5.09
C ALA B 214 15.41 -31.03 -5.29
N PRO B 215 15.15 -31.91 -4.29
CA PRO B 215 13.89 -32.65 -4.34
C PRO B 215 12.72 -31.68 -4.20
N CYS B 216 11.58 -32.04 -4.77
CA CYS B 216 10.48 -31.11 -4.88
C CYS B 216 9.13 -31.78 -4.66
N VAL B 217 8.23 -31.08 -3.98
CA VAL B 217 6.85 -31.48 -3.88
C VAL B 217 6.01 -30.44 -4.60
N VAL B 218 5.22 -30.89 -5.58
CA VAL B 218 4.28 -30.03 -6.27
C VAL B 218 2.89 -30.26 -5.68
N VAL B 219 2.28 -29.21 -5.14
CA VAL B 219 0.96 -29.39 -4.54
C VAL B 219 -0.13 -29.15 -5.57
N GLN B 220 -0.98 -30.15 -5.78
CA GLN B 220 -2.08 -30.01 -6.74
C GLN B 220 -3.45 -30.02 -6.04
N THR B 221 -4.28 -29.05 -6.39
CA THR B 221 -5.67 -29.01 -5.94
C THR B 221 -6.56 -29.49 -7.09
N THR B 222 -7.85 -29.65 -6.83
CA THR B 222 -8.74 -30.22 -7.85
C THR B 222 -9.10 -29.22 -8.96
N ARG B 223 -8.86 -27.94 -8.72
CA ARG B 223 -9.03 -26.91 -9.76
C ARG B 223 -8.32 -25.62 -9.35
N ASP B 224 -7.60 -25.03 -10.31
CA ASP B 224 -6.88 -23.78 -10.11
C ASP B 224 -7.09 -22.90 -11.32
N VAL B 225 -7.71 -21.74 -11.12
CA VAL B 225 -8.03 -20.82 -12.20
C VAL B 225 -6.80 -20.44 -13.06
N SER B 226 -5.59 -20.56 -12.50
CA SER B 226 -4.40 -20.13 -13.23
C SER B 226 -3.44 -21.28 -13.57
N VAL B 227 -3.72 -22.47 -13.06
CA VAL B 227 -2.85 -23.62 -13.29
C VAL B 227 -3.66 -24.83 -13.74
N PRO B 228 -3.59 -25.15 -15.04
CA PRO B 228 -4.30 -26.31 -15.56
C PRO B 228 -3.87 -27.58 -14.87
N ALA B 229 -4.75 -28.58 -14.85
CA ALA B 229 -4.49 -29.85 -14.19
C ALA B 229 -3.25 -30.56 -14.71
N SER B 230 -2.89 -30.33 -15.97
CA SER B 230 -1.78 -31.06 -16.59
C SER B 230 -0.42 -30.47 -16.24
N VAL B 231 -0.40 -29.29 -15.61
CA VAL B 231 0.87 -28.63 -15.31
C VAL B 231 1.68 -29.40 -14.27
N ALA B 232 1.01 -29.92 -13.24
CA ALA B 232 1.69 -30.69 -12.20
C ALA B 232 2.47 -31.88 -12.78
N ALA B 233 1.86 -32.61 -13.71
CA ALA B 233 2.55 -33.73 -14.35
C ALA B 233 3.74 -33.27 -15.18
N TYR B 234 3.61 -32.10 -15.81
CA TYR B 234 4.70 -31.54 -16.60
C TYR B 234 5.89 -31.18 -15.70
N LEU B 235 5.60 -30.54 -14.57
CA LEU B 235 6.65 -30.20 -13.61
C LEU B 235 7.33 -31.45 -13.07
N LYS B 236 6.55 -32.49 -12.79
CA LYS B 236 7.12 -33.74 -12.30
C LYS B 236 8.05 -34.35 -13.33
N ALA B 237 7.66 -34.26 -14.60
CA ALA B 237 8.42 -34.90 -15.65
C ALA B 237 9.70 -34.14 -16.01
N HIS B 238 9.79 -32.86 -15.66
CA HIS B 238 10.89 -32.04 -16.17
C HIS B 238 11.80 -31.42 -15.11
N LEU B 239 11.32 -31.31 -13.88
CA LEU B 239 12.18 -30.89 -12.78
C LEU B 239 13.31 -31.89 -12.60
N GLY B 240 14.51 -31.38 -12.37
CA GLY B 240 15.71 -32.22 -12.37
C GLY B 240 15.98 -32.98 -11.09
N GLY B 241 15.21 -32.70 -10.05
CA GLY B 241 15.37 -33.41 -8.79
C GLY B 241 14.29 -34.47 -8.61
N ARG B 242 14.31 -35.14 -7.47
CA ARG B 242 13.28 -36.14 -7.15
C ARG B 242 11.98 -35.43 -6.78
N THR B 243 10.99 -35.57 -7.65
CA THR B 243 9.77 -34.79 -7.54
C THR B 243 8.53 -35.67 -7.37
N THR B 244 7.65 -35.30 -6.45
CA THR B 244 6.34 -35.93 -6.38
C THR B 244 5.23 -34.89 -6.43
N VAL B 245 4.06 -35.33 -6.86
CA VAL B 245 2.86 -34.50 -6.86
C VAL B 245 1.99 -34.96 -5.68
N GLU B 246 1.56 -34.01 -4.86
CA GLU B 246 0.73 -34.32 -3.71
C GLU B 246 -0.62 -33.64 -3.85
N PHE B 247 -1.69 -34.40 -3.68
CA PHE B 247 -3.03 -33.92 -4.04
C PHE B 247 -3.85 -33.47 -2.83
N LEU B 248 -4.46 -32.30 -2.97
CA LEU B 248 -5.47 -31.85 -2.01
C LEU B 248 -6.84 -32.20 -2.54
N GLN B 249 -7.71 -32.75 -1.69
CA GLN B 249 -9.05 -33.16 -2.13
C GLN B 249 -10.01 -31.99 -2.15
N THR B 250 -9.48 -30.79 -2.37
CA THR B 250 -10.34 -29.62 -2.52
C THR B 250 -9.78 -28.72 -3.60
N GLU B 251 -10.50 -27.65 -3.91
CA GLU B 251 -10.15 -26.82 -5.05
C GLU B 251 -9.59 -25.47 -4.61
N GLY B 252 -8.90 -24.81 -5.54
CA GLY B 252 -8.48 -23.45 -5.31
C GLY B 252 -7.02 -23.18 -5.63
N HIS B 253 -6.71 -21.90 -5.81
CA HIS B 253 -5.36 -21.44 -6.08
C HIS B 253 -4.67 -21.03 -4.78
N LEU B 254 -5.46 -20.82 -3.72
CA LEU B 254 -4.94 -20.40 -2.43
C LEU B 254 -5.30 -21.34 -1.28
N PRO B 255 -4.84 -22.61 -1.34
CA PRO B 255 -5.23 -23.58 -0.31
C PRO B 255 -4.74 -23.19 1.09
N HIS B 256 -3.66 -22.40 1.16
CA HIS B 256 -3.19 -21.95 2.46
C HIS B 256 -4.17 -20.97 3.10
N LEU B 257 -5.05 -20.39 2.28
CA LEU B 257 -6.14 -19.58 2.80
C LEU B 257 -7.45 -20.36 2.95
N SER B 258 -7.75 -21.23 1.98
CA SER B 258 -9.07 -21.85 1.91
C SER B 258 -9.13 -23.20 2.61
N ALA B 259 -8.00 -23.91 2.67
CA ALA B 259 -7.96 -25.21 3.32
C ALA B 259 -6.66 -25.43 4.10
N PRO B 260 -6.34 -24.51 5.02
CA PRO B 260 -5.01 -24.50 5.65
C PRO B 260 -4.68 -25.77 6.42
N SER B 261 -5.67 -26.37 7.08
CA SER B 261 -5.42 -27.61 7.82
C SER B 261 -5.01 -28.73 6.87
N LEU B 262 -5.65 -28.83 5.71
CA LEU B 262 -5.31 -29.84 4.73
C LEU B 262 -3.92 -29.62 4.16
N LEU B 263 -3.61 -28.36 3.85
CA LEU B 263 -2.31 -28.03 3.30
C LEU B 263 -1.22 -28.31 4.33
N ALA B 264 -1.55 -28.06 5.59
CA ALA B 264 -0.60 -28.27 6.68
C ALA B 264 -0.15 -29.72 6.76
N GLN B 265 -1.06 -30.66 6.44
CA GLN B 265 -0.73 -32.08 6.40
C GLN B 265 0.37 -32.34 5.38
N VAL B 266 0.17 -31.81 4.17
CA VAL B 266 1.15 -31.97 3.10
C VAL B 266 2.49 -31.35 3.49
N LEU B 267 2.44 -30.15 4.05
CA LEU B 267 3.64 -29.45 4.45
C LEU B 267 4.45 -30.23 5.50
N ARG B 268 3.76 -30.75 6.51
CA ARG B 268 4.44 -31.50 7.56
C ARG B 268 5.15 -32.73 7.02
N ARG B 269 4.49 -33.49 6.16
CA ARG B 269 5.11 -34.65 5.55
C ARG B 269 6.27 -34.25 4.64
N ALA B 270 6.07 -33.22 3.85
CA ALA B 270 7.10 -32.78 2.89
C ALA B 270 8.34 -32.21 3.57
N LEU B 271 8.16 -31.61 4.76
CA LEU B 271 9.27 -30.97 5.46
C LEU B 271 9.91 -31.88 6.51
N ALA B 272 9.41 -33.11 6.59
CA ALA B 272 9.86 -34.08 7.59
C ALA B 272 11.37 -34.31 7.56
N ARG B 273 11.88 -34.62 6.38
CA ARG B 273 13.32 -34.79 6.19
C ARG B 273 13.83 -34.15 4.91
N TYR B 274 14.89 -33.36 5.02
CA TYR B 274 15.54 -32.79 3.85
C TYR B 274 16.96 -32.31 4.17
BR1 94X C . -4.90 13.40 20.75
C02 94X C . -4.14 14.40 19.26
C03 94X C . -2.78 14.64 19.25
C04 94X C . -2.25 15.35 18.17
C05 94X C . -4.99 14.83 18.26
C06 94X C . -4.44 15.54 17.20
C07 94X C . -3.07 15.81 17.13
C08 94X C . -2.48 16.57 15.98
C09 94X C . -3.05 18.02 15.78
O10 94X C . -4.29 17.86 15.12
C11 94X C . -2.15 18.93 14.95
C12 94X C . -2.23 19.19 13.62
C13 94X C . -3.29 18.61 12.64
O14 94X C . -3.76 17.49 12.89
O15 94X C . -3.58 19.33 11.64
C16 94X C . -1.23 20.11 13.03
BR1 94X D . -8.40 -14.84 -14.74
C02 94X D . -6.67 -14.55 -13.88
C03 94X D . -6.27 -13.24 -13.64
C04 94X D . -5.04 -13.03 -13.03
C05 94X D . -5.89 -15.63 -13.55
C06 94X D . -4.67 -15.41 -12.94
C07 94X D . -4.22 -14.11 -12.67
C08 94X D . -2.90 -13.86 -12.01
C09 94X D . -1.68 -13.76 -12.96
O10 94X D . -1.28 -15.08 -13.24
C11 94X D . -0.50 -13.02 -12.35
C12 94X D . 0.46 -13.52 -11.56
C13 94X D . 0.61 -15.00 -11.10
O14 94X D . -0.12 -15.87 -11.61
O15 94X D . 1.50 -15.21 -10.22
C16 94X D . 1.49 -12.61 -11.06
#